data_4FQ8
#
_entry.id   4FQ8
#
_cell.length_a   46.244
_cell.length_b   88.335
_cell.length_c   118.338
_cell.angle_alpha   90.000
_cell.angle_beta   90.000
_cell.angle_gamma   90.000
#
_symmetry.space_group_name_H-M   'P 21 21 21'
#
loop_
_entity.id
_entity.type
_entity.pdbx_description
1 polymer 'Shikimate dehydrogenase'
2 non-polymer '(3R,4S,5R)-3,4,5-TRIHYDROXYCYCLOHEX-1-ENE-1-CARBOXYLIC ACID'
3 water water
#
_entity_poly.entity_id   1
_entity_poly.type   'polypeptide(L)'
_entity_poly.pdbx_seq_one_letter_code
;MKLKSFGVFGNPIKHSKSPLIHNACFLTFQKELRFLGHYHPILLPLESHIKSEFLHLGLSGANVTLPFKERAFQVCDKIK
GIALECGAVNTLVLENDELVGYNTDALGFYLSLKQKNYQNALILGAGGSAKALACELKKQGLQVSVLNRSSRGLDFFQRL
GCDCFMEPPKSAFDLIINATSASLHNELPLNKEVLKGYFKEGKLAYDLAAGFLTPFLSLAKELKTPFQDGKDMLIYQAAL
SFEKFSASQIPYSKAFEVMRSVFLEHHHHHH
;
_entity_poly.pdbx_strand_id   A,B
#
loop_
_chem_comp.id
_chem_comp.type
_chem_comp.name
_chem_comp.formula
SKM non-polymer '(3R,4S,5R)-3,4,5-TRIHYDROXYCYCLOHEX-1-ENE-1-CARBOXYLIC ACID' 'C7 H10 O5'
#
# COMPACT_ATOMS: atom_id res chain seq x y z
N MET A 1 1.53 20.33 -45.90
CA MET A 1 1.59 19.92 -44.47
C MET A 1 2.85 20.51 -43.82
N LYS A 2 2.67 21.39 -42.84
CA LYS A 2 3.80 21.85 -42.00
C LYS A 2 4.38 20.72 -41.08
N LEU A 3 5.70 20.59 -41.09
CA LEU A 3 6.41 19.54 -40.35
C LEU A 3 7.27 20.15 -39.25
N LYS A 4 7.09 19.69 -38.01
CA LYS A 4 8.09 20.00 -36.99
C LYS A 4 8.76 18.77 -36.48
N SER A 5 10.05 18.90 -36.25
CA SER A 5 10.91 17.81 -35.74
C SER A 5 11.16 17.79 -34.22
N PHE A 6 11.14 16.59 -33.64
CA PHE A 6 11.34 16.41 -32.21
C PHE A 6 12.19 15.15 -31.97
N GLY A 7 12.75 15.02 -30.79
CA GLY A 7 13.37 13.79 -30.42
C GLY A 7 13.72 13.72 -28.96
N VAL A 8 14.32 12.61 -28.57
CA VAL A 8 14.83 12.44 -27.24
C VAL A 8 16.31 12.12 -27.37
N PHE A 9 17.15 12.88 -26.66
CA PHE A 9 18.58 12.63 -26.59
C PHE A 9 18.89 11.75 -25.39
N GLY A 10 19.66 10.71 -25.61
CA GLY A 10 20.17 9.92 -24.53
C GLY A 10 21.31 9.03 -24.97
N ASN A 11 21.90 8.31 -24.03
CA ASN A 11 22.99 7.41 -24.32
C ASN A 11 23.21 6.52 -23.11
N PRO A 12 22.61 5.33 -23.11
CA PRO A 12 21.88 4.67 -24.22
C PRO A 12 20.47 5.24 -24.48
N ILE A 13 19.81 4.77 -25.54
CA ILE A 13 18.57 5.38 -25.98
C ILE A 13 17.55 4.51 -26.79
N LYS A 14 18.02 3.42 -27.37
CA LYS A 14 17.19 2.61 -28.26
C LYS A 14 15.90 2.01 -27.57
N HIS A 15 15.93 1.91 -26.24
CA HIS A 15 14.83 1.32 -25.46
C HIS A 15 13.73 2.35 -25.06
N SER A 16 13.90 3.61 -25.46
CA SER A 16 12.96 4.64 -25.00
C SER A 16 11.58 4.46 -25.63
N LYS A 17 10.54 4.70 -24.84
CA LYS A 17 9.16 4.61 -25.32
C LYS A 17 8.55 5.98 -25.63
N SER A 18 9.34 7.07 -25.49
CA SER A 18 8.86 8.41 -25.85
C SER A 18 8.37 8.57 -27.30
N PRO A 19 9.16 8.07 -28.30
CA PRO A 19 8.77 8.29 -29.67
C PRO A 19 7.38 7.74 -29.93
N LEU A 20 7.09 6.53 -29.43
CA LEU A 20 5.75 5.92 -29.55
C LEU A 20 4.62 6.81 -29.05
N ILE A 21 4.75 7.27 -27.80
CA ILE A 21 3.66 8.00 -27.14
C ILE A 21 3.52 9.44 -27.62
N HIS A 22 4.65 10.11 -27.91
CA HIS A 22 4.60 11.45 -28.51
C HIS A 22 4.11 11.46 -29.96
N ASN A 23 4.57 10.50 -30.75
CA ASN A 23 4.07 10.43 -32.11
C ASN A 23 2.59 10.13 -32.12
N ALA A 24 2.11 9.31 -31.20
CA ALA A 24 0.67 9.09 -31.14
C ALA A 24 -0.10 10.39 -30.92
N CYS A 25 0.36 11.22 -29.95
CA CYS A 25 -0.20 12.55 -29.73
C CYS A 25 -0.07 13.50 -30.93
N PHE A 26 1.09 13.52 -31.59
CA PHE A 26 1.21 14.45 -32.73
C PHE A 26 0.11 14.10 -33.78
N LEU A 27 -0.02 12.81 -34.06
CA LEU A 27 -1.04 12.30 -34.99
C LEU A 27 -2.44 12.70 -34.58
N THR A 28 -2.77 12.49 -33.30
CA THR A 28 -4.09 12.74 -32.79
C THR A 28 -4.44 14.22 -32.81
N PHE A 29 -3.46 15.07 -32.51
CA PHE A 29 -3.74 16.47 -32.28
C PHE A 29 -3.32 17.36 -33.45
N GLN A 30 -2.92 16.76 -34.58
CA GLN A 30 -2.35 17.51 -35.69
C GLN A 30 -3.25 18.68 -36.17
N LYS A 31 -4.56 18.49 -36.13
CA LYS A 31 -5.50 19.55 -36.49
C LYS A 31 -5.50 20.75 -35.54
N GLU A 32 -5.56 20.49 -34.22
CA GLU A 32 -5.48 21.56 -33.22
C GLU A 32 -4.19 22.32 -33.31
N LEU A 33 -3.12 21.61 -33.66
CA LEU A 33 -1.75 22.15 -33.61
C LEU A 33 -1.38 22.89 -34.87
N ARG A 34 -2.05 22.53 -35.96
CA ARG A 34 -1.73 23.07 -37.30
C ARG A 34 -0.32 22.73 -37.78
N PHE A 35 0.25 21.62 -37.28
CA PHE A 35 1.48 21.05 -37.84
C PHE A 35 1.61 19.59 -37.47
N LEU A 36 2.47 18.88 -38.15
CA LEU A 36 2.69 17.50 -37.81
C LEU A 36 4.05 17.35 -37.15
N GLY A 37 4.07 16.97 -35.89
CA GLY A 37 5.32 16.65 -35.27
C GLY A 37 5.76 15.22 -35.58
N HIS A 38 7.05 14.99 -35.60
CA HIS A 38 7.55 13.65 -35.75
C HIS A 38 8.74 13.52 -34.82
N TYR A 39 8.74 12.45 -34.03
CA TYR A 39 9.61 12.36 -32.84
C TYR A 39 10.50 11.10 -32.92
N HIS A 40 11.79 11.31 -32.74
CA HIS A 40 12.78 10.27 -33.07
C HIS A 40 13.69 10.12 -31.90
N PRO A 41 14.22 8.88 -31.63
CA PRO A 41 15.31 8.65 -30.68
C PRO A 41 16.65 9.18 -31.25
N ILE A 42 17.45 9.86 -30.43
CA ILE A 42 18.72 10.42 -30.88
C ILE A 42 19.81 9.97 -29.94
N LEU A 43 20.65 9.04 -30.40
CA LEU A 43 21.81 8.60 -29.61
C LEU A 43 22.81 9.76 -29.73
N LEU A 44 23.07 10.43 -28.60
CA LEU A 44 24.01 11.55 -28.56
C LEU A 44 25.29 11.00 -28.00
N PRO A 45 26.39 11.21 -28.71
CA PRO A 45 27.69 10.79 -28.16
C PRO A 45 27.98 11.60 -26.89
N LEU A 46 28.59 10.97 -25.89
CA LEU A 46 28.93 11.65 -24.63
C LEU A 46 29.68 12.97 -24.84
N GLU A 47 30.51 13.00 -25.88
CA GLU A 47 31.41 14.10 -26.13
C GLU A 47 30.78 15.14 -27.06
N SER A 48 29.56 14.89 -27.53
CA SER A 48 28.89 15.91 -28.33
C SER A 48 28.26 16.92 -27.40
N HIS A 49 27.59 17.89 -27.99
CA HIS A 49 27.00 18.97 -27.24
C HIS A 49 25.48 19.06 -27.54
N ILE A 50 24.64 18.93 -26.50
CA ILE A 50 23.16 18.89 -26.65
C ILE A 50 22.58 20.09 -27.42
N LYS A 51 23.02 21.31 -27.06
CA LYS A 51 22.60 22.52 -27.78
C LYS A 51 23.04 22.51 -29.26
N SER A 52 24.32 22.28 -29.50
CA SER A 52 24.83 22.18 -30.88
C SER A 52 24.04 21.16 -31.69
N GLU A 53 23.73 20.00 -31.10
CA GLU A 53 23.03 18.96 -31.85
C GLU A 53 21.56 19.42 -32.11
N PHE A 54 20.92 19.95 -31.08
CA PHE A 54 19.56 20.45 -31.22
C PHE A 54 19.44 21.39 -32.42
N LEU A 55 20.32 22.41 -32.48
CA LEU A 55 20.32 23.36 -33.59
C LEU A 55 20.68 22.72 -34.93
N HIS A 56 21.68 21.81 -34.92
CA HIS A 56 22.12 21.17 -36.14
C HIS A 56 21.00 20.36 -36.78
N LEU A 57 20.20 19.69 -35.94
CA LEU A 57 19.09 18.88 -36.43
C LEU A 57 17.84 19.67 -36.79
N GLY A 58 17.77 20.93 -36.36
CA GLY A 58 16.59 21.79 -36.63
C GLY A 58 15.32 21.43 -35.84
N LEU A 59 15.49 20.90 -34.63
CA LEU A 59 14.34 20.44 -33.83
C LEU A 59 13.53 21.62 -33.36
N SER A 60 12.22 21.41 -33.17
CA SER A 60 11.38 22.37 -32.46
C SER A 60 11.34 22.05 -30.97
N GLY A 61 11.67 20.82 -30.61
CA GLY A 61 11.82 20.50 -29.18
C GLY A 61 12.41 19.12 -29.01
N ALA A 62 12.84 18.81 -27.79
CA ALA A 62 13.41 17.52 -27.54
C ALA A 62 13.19 17.15 -26.09
N ASN A 63 13.12 15.85 -25.81
CA ASN A 63 13.40 15.39 -24.46
C ASN A 63 14.86 15.03 -24.26
N VAL A 64 15.24 14.91 -22.99
CA VAL A 64 16.61 14.69 -22.60
C VAL A 64 16.55 13.64 -21.49
N THR A 65 17.24 12.53 -21.70
CA THR A 65 17.42 11.54 -20.69
C THR A 65 18.88 11.44 -20.12
N LEU A 66 19.12 10.42 -19.28
CA LEU A 66 20.46 9.99 -18.84
C LEU A 66 21.47 9.86 -19.98
N PRO A 67 22.73 10.32 -19.79
CA PRO A 67 23.26 11.05 -18.62
C PRO A 67 23.32 12.57 -18.84
N PHE A 68 22.31 13.16 -19.49
CA PHE A 68 22.39 14.50 -20.09
C PHE A 68 21.56 15.60 -19.37
N LYS A 69 20.77 15.24 -18.39
CA LYS A 69 19.84 16.23 -17.80
C LYS A 69 20.52 17.45 -17.10
N GLU A 70 21.57 17.21 -16.33
CA GLU A 70 22.35 18.32 -15.72
C GLU A 70 23.05 19.15 -16.79
N ARG A 71 23.68 18.49 -17.74
CA ARG A 71 24.30 19.21 -18.86
C ARG A 71 23.32 20.10 -19.58
N ALA A 72 22.13 19.59 -19.85
CA ALA A 72 21.09 20.35 -20.55
C ALA A 72 20.73 21.64 -19.78
N PHE A 73 20.60 21.54 -18.48
CA PHE A 73 20.49 22.69 -17.57
C PHE A 73 21.64 23.75 -17.69
N GLN A 74 22.84 23.27 -17.95
CA GLN A 74 24.02 24.14 -18.00
C GLN A 74 24.10 24.84 -19.34
N VAL A 75 23.61 24.20 -20.37
CA VAL A 75 23.80 24.68 -21.76
C VAL A 75 22.62 25.41 -22.39
N CYS A 76 21.42 25.22 -21.82
CA CYS A 76 20.26 25.97 -22.28
C CYS A 76 20.47 27.47 -22.30
N ASP A 77 19.70 28.16 -23.16
CA ASP A 77 19.69 29.61 -23.25
C ASP A 77 18.88 30.23 -22.14
N LYS A 78 17.74 29.63 -21.86
CA LYS A 78 16.90 30.11 -20.79
C LYS A 78 16.32 28.87 -20.09
N ILE A 79 16.13 28.96 -18.79
CA ILE A 79 15.51 27.89 -18.00
C ILE A 79 14.21 28.44 -17.41
N LYS A 80 13.09 27.72 -17.62
CA LYS A 80 11.77 28.18 -17.09
C LYS A 80 11.13 27.15 -16.16
N GLY A 81 10.26 27.62 -15.26
CA GLY A 81 9.49 26.69 -14.40
C GLY A 81 10.32 26.02 -13.31
N ILE A 82 9.88 24.85 -12.87
CA ILE A 82 10.48 24.21 -11.70
C ILE A 82 11.93 23.76 -11.99
N ALA A 83 12.30 23.69 -13.29
CA ALA A 83 13.65 23.35 -13.74
C ALA A 83 14.72 24.19 -13.02
N LEU A 84 14.41 25.45 -12.78
CA LEU A 84 15.29 26.37 -12.05
C LEU A 84 15.78 25.79 -10.74
N GLU A 85 14.87 25.21 -9.97
CA GLU A 85 15.21 24.61 -8.68
C GLU A 85 15.61 23.10 -8.72
N CYS A 86 15.46 22.45 -9.88
CA CYS A 86 15.86 21.02 -10.07
C CYS A 86 17.34 20.83 -10.51
N GLY A 87 17.97 21.88 -11.06
CA GLY A 87 19.36 21.79 -11.55
C GLY A 87 19.45 20.78 -12.69
N ALA A 88 18.33 20.57 -13.39
CA ALA A 88 18.18 19.52 -14.42
C ALA A 88 17.10 19.90 -15.42
N VAL A 89 17.33 19.58 -16.68
CA VAL A 89 16.37 19.87 -17.73
C VAL A 89 16.09 18.58 -18.47
N ASN A 90 14.82 18.18 -18.58
CA ASN A 90 14.47 17.02 -19.39
C ASN A 90 13.67 17.33 -20.66
N THR A 91 13.38 18.62 -20.87
CA THR A 91 12.48 19.08 -21.93
C THR A 91 13.02 20.36 -22.53
N LEU A 92 13.25 20.36 -23.84
CA LEU A 92 13.83 21.49 -24.56
C LEU A 92 12.83 21.99 -25.54
N VAL A 93 12.69 23.31 -25.64
CA VAL A 93 11.87 23.86 -26.67
C VAL A 93 12.53 25.08 -27.33
N LEU A 94 12.45 25.13 -28.64
CA LEU A 94 12.87 26.29 -29.41
C LEU A 94 11.78 27.35 -29.37
N GLU A 95 12.03 28.41 -28.60
CA GLU A 95 11.08 29.52 -28.47
C GLU A 95 11.74 30.84 -28.88
N ASN A 96 11.16 31.51 -29.88
CA ASN A 96 11.72 32.78 -30.35
C ASN A 96 13.21 32.62 -30.58
N ASP A 97 13.57 31.56 -31.29
CA ASP A 97 14.97 31.23 -31.60
C ASP A 97 15.91 31.01 -30.40
N GLU A 98 15.33 30.82 -29.21
CA GLU A 98 16.11 30.53 -28.01
C GLU A 98 15.88 29.09 -27.54
N LEU A 99 16.94 28.44 -27.06
CA LEU A 99 16.80 27.11 -26.54
C LEU A 99 16.39 27.17 -25.07
N VAL A 100 15.13 26.81 -24.82
CA VAL A 100 14.54 26.96 -23.48
C VAL A 100 14.39 25.63 -22.81
N GLY A 101 14.86 25.51 -21.55
CA GLY A 101 14.74 24.27 -20.80
C GLY A 101 13.59 24.22 -19.80
N TYR A 102 12.95 23.06 -19.67
CA TYR A 102 11.93 22.82 -18.67
C TYR A 102 12.23 21.50 -18.03
N ASN A 103 11.57 21.24 -16.91
CA ASN A 103 11.72 19.96 -16.29
C ASN A 103 10.34 19.47 -15.99
N THR A 104 9.97 18.33 -16.60
CA THR A 104 8.65 17.70 -16.41
C THR A 104 8.71 16.44 -15.54
N ASP A 105 9.92 16.09 -15.10
CA ASP A 105 10.14 14.94 -14.27
C ASP A 105 9.54 15.16 -12.83
N ALA A 106 9.71 16.35 -12.30
CA ALA A 106 9.32 16.65 -10.92
C ALA A 106 7.81 16.39 -10.74
N LEU A 107 7.01 16.95 -11.63
CA LEU A 107 5.62 16.91 -11.49
C LEU A 107 5.10 15.60 -12.07
N GLY A 108 5.81 15.05 -13.06
CA GLY A 108 5.49 13.67 -13.48
C GLY A 108 5.58 12.71 -12.30
N PHE A 109 6.66 12.85 -11.52
CA PHE A 109 6.89 11.91 -10.38
C PHE A 109 5.77 12.07 -9.33
N TYR A 110 5.51 13.34 -9.01
CA TYR A 110 4.43 13.72 -8.10
C TYR A 110 3.14 13.09 -8.52
N LEU A 111 2.73 13.30 -9.77
CA LEU A 111 1.49 12.70 -10.25
C LEU A 111 1.46 11.17 -10.25
N SER A 112 2.62 10.52 -10.32
CA SER A 112 2.69 9.06 -10.31
C SER A 112 2.45 8.46 -8.92
N LEU A 113 2.59 9.27 -7.88
CA LEU A 113 2.58 8.79 -6.50
C LEU A 113 1.13 8.77 -6.00
N LYS A 114 0.58 7.60 -5.71
CA LYS A 114 -0.83 7.57 -5.25
C LYS A 114 -0.93 8.14 -3.85
N GLN A 115 -0.04 7.68 -2.98
CA GLN A 115 -0.09 8.00 -1.57
C GLN A 115 0.52 9.36 -1.30
N LYS A 116 -0.28 10.23 -0.69
CA LYS A 116 0.02 11.64 -0.49
C LYS A 116 0.86 11.96 0.80
N ASN A 117 0.74 11.12 1.83
CA ASN A 117 1.42 11.37 3.10
C ASN A 117 2.47 10.29 3.50
N TYR A 118 3.49 10.12 2.67
CA TYR A 118 4.75 9.53 3.16
C TYR A 118 5.46 10.62 3.98
N GLN A 119 6.23 10.23 5.01
CA GLN A 119 6.88 11.22 5.93
C GLN A 119 8.33 11.53 5.59
N ASN A 120 9.06 10.49 5.16
CA ASN A 120 10.45 10.65 4.70
C ASN A 120 10.81 9.77 3.50
N ALA A 121 11.95 10.05 2.92
CA ALA A 121 12.34 9.42 1.67
C ALA A 121 13.85 9.32 1.69
N LEU A 122 14.33 8.23 1.14
CA LEU A 122 15.72 8.12 0.79
C LEU A 122 15.84 7.97 -0.73
N ILE A 123 16.68 8.83 -1.30
CA ILE A 123 16.96 8.86 -2.71
C ILE A 123 18.38 8.37 -2.93
N LEU A 124 18.49 7.36 -3.77
CA LEU A 124 19.78 6.88 -4.24
C LEU A 124 20.05 7.48 -5.59
N GLY A 125 21.18 8.19 -5.73
CA GLY A 125 21.64 8.67 -7.06
C GLY A 125 21.84 10.14 -7.04
N ALA A 126 22.57 10.66 -8.01
CA ALA A 126 22.89 12.06 -8.04
C ALA A 126 22.79 12.71 -9.46
N GLY A 127 22.20 11.99 -10.40
CA GLY A 127 21.87 12.55 -11.72
C GLY A 127 20.68 13.51 -11.72
N GLY A 128 20.25 13.90 -12.92
CA GLY A 128 19.15 14.83 -13.08
C GLY A 128 17.83 14.33 -12.53
N SER A 129 17.57 13.03 -12.67
CA SER A 129 16.34 12.45 -12.09
C SER A 129 16.30 12.53 -10.56
N ALA A 130 17.39 12.14 -9.92
CA ALA A 130 17.51 12.29 -8.46
C ALA A 130 17.27 13.74 -8.01
N LYS A 131 17.85 14.70 -8.73
CA LYS A 131 17.72 16.12 -8.43
C LYS A 131 16.29 16.65 -8.46
N ALA A 132 15.54 16.26 -9.50
CA ALA A 132 14.18 16.66 -9.65
C ALA A 132 13.26 16.01 -8.58
N LEU A 133 13.54 14.75 -8.24
CA LEU A 133 12.77 14.09 -7.22
C LEU A 133 13.05 14.68 -5.82
N ALA A 134 14.29 15.02 -5.54
CA ALA A 134 14.60 15.67 -4.24
C ALA A 134 13.86 17.01 -4.18
N CYS A 135 13.98 17.82 -5.23
CA CYS A 135 13.34 19.10 -5.33
C CYS A 135 11.85 18.97 -5.04
N GLU A 136 11.22 18.05 -5.73
CA GLU A 136 9.85 17.79 -5.60
C GLU A 136 9.42 17.23 -4.20
N LEU A 137 10.15 16.28 -3.64
CA LEU A 137 9.73 15.76 -2.32
C LEU A 137 9.95 16.75 -1.18
N LYS A 138 10.95 17.62 -1.31
CA LYS A 138 11.18 18.65 -0.33
C LYS A 138 10.02 19.66 -0.33
N LYS A 139 9.58 20.04 -1.53
CA LYS A 139 8.43 20.95 -1.75
C LYS A 139 7.19 20.44 -1.06
N GLN A 140 7.03 19.12 -1.03
CA GLN A 140 5.90 18.50 -0.34
C GLN A 140 6.10 18.33 1.16
N GLY A 141 7.25 18.72 1.67
CA GLY A 141 7.47 18.74 3.12
C GLY A 141 7.88 17.39 3.74
N LEU A 142 8.33 16.47 2.90
CA LEU A 142 8.99 15.25 3.42
C LEU A 142 10.41 15.62 3.88
N GLN A 143 10.93 14.87 4.85
CA GLN A 143 12.34 14.83 5.11
C GLN A 143 13.02 13.95 4.07
N VAL A 144 13.97 14.52 3.34
CA VAL A 144 14.64 13.79 2.27
C VAL A 144 16.10 13.55 2.59
N SER A 145 16.47 12.29 2.52
CA SER A 145 17.87 11.91 2.61
C SER A 145 18.31 11.39 1.26
N VAL A 146 19.60 11.55 1.00
CA VAL A 146 20.21 11.26 -0.28
C VAL A 146 21.49 10.56 0.03
N LEU A 147 21.70 9.45 -0.65
CA LEU A 147 22.88 8.67 -0.51
C LEU A 147 23.47 8.45 -1.90
N ASN A 148 24.71 8.85 -2.12
CA ASN A 148 25.39 8.41 -3.34
C ASN A 148 26.85 7.99 -3.16
N ARG A 149 27.50 7.64 -4.25
CA ARG A 149 28.78 6.93 -4.21
C ARG A 149 30.02 7.80 -3.96
N SER A 150 29.85 9.11 -4.11
CA SER A 150 30.95 10.06 -4.08
C SER A 150 30.39 11.40 -3.62
N SER A 151 31.24 12.43 -3.63
CA SER A 151 30.83 13.76 -3.18
C SER A 151 30.24 14.64 -4.30
N ARG A 152 30.34 14.18 -5.55
CA ARG A 152 29.61 14.78 -6.69
C ARG A 152 28.10 14.87 -6.39
N GLY A 153 27.52 16.05 -6.65
CA GLY A 153 26.08 16.25 -6.44
C GLY A 153 25.76 16.97 -5.15
N LEU A 154 26.70 16.95 -4.20
CA LEU A 154 26.45 17.39 -2.81
C LEU A 154 25.83 18.81 -2.67
N ASP A 155 26.47 19.82 -3.27
CA ASP A 155 26.06 21.20 -3.06
C ASP A 155 24.61 21.44 -3.47
N PHE A 156 24.19 20.79 -4.55
CA PHE A 156 22.82 20.86 -4.97
C PHE A 156 21.87 20.40 -3.87
N PHE A 157 22.07 19.17 -3.40
CA PHE A 157 21.15 18.56 -2.44
C PHE A 157 21.19 19.27 -1.11
N GLN A 158 22.38 19.67 -0.67
CA GLN A 158 22.45 20.45 0.58
C GLN A 158 21.74 21.81 0.54
N ARG A 159 21.84 22.53 -0.58
CA ARG A 159 21.12 23.81 -0.71
C ARG A 159 19.62 23.66 -0.76
N LEU A 160 19.17 22.45 -1.07
CA LEU A 160 17.76 22.14 -1.09
C LEU A 160 17.31 21.78 0.27
N GLY A 161 18.25 21.57 1.18
CA GLY A 161 17.87 21.21 2.53
C GLY A 161 17.74 19.71 2.70
N CYS A 162 18.31 18.94 1.78
CA CYS A 162 18.36 17.50 1.93
C CYS A 162 19.49 17.06 2.86
N ASP A 163 19.21 16.05 3.65
CA ASP A 163 20.24 15.40 4.46
C ASP A 163 21.09 14.46 3.60
N CYS A 164 22.30 14.89 3.27
CA CYS A 164 23.21 14.06 2.47
C CYS A 164 24.14 13.21 3.32
N PHE A 165 24.05 11.89 3.16
CA PHE A 165 24.82 10.95 3.94
C PHE A 165 25.95 10.42 3.13
N MET A 166 27.09 10.14 3.74
CA MET A 166 28.06 9.39 2.97
C MET A 166 28.14 7.89 3.24
N GLU A 167 27.54 7.44 4.34
CA GLU A 167 27.23 6.02 4.56
C GLU A 167 25.71 5.87 4.74
N PRO A 168 25.15 4.68 4.43
CA PRO A 168 23.70 4.40 4.60
C PRO A 168 23.23 4.71 6.00
N PRO A 169 22.39 5.75 6.16
CA PRO A 169 21.78 6.02 7.48
C PRO A 169 21.06 4.78 8.01
N LYS A 170 21.18 4.53 9.31
CA LYS A 170 20.46 3.46 9.96
C LYS A 170 19.14 4.01 10.49
N SER A 171 18.16 4.09 9.60
CA SER A 171 16.90 4.72 9.89
C SER A 171 15.90 4.09 8.91
N ALA A 172 14.63 3.99 9.32
CA ALA A 172 13.52 3.54 8.46
C ALA A 172 13.11 4.67 7.54
N PHE A 173 12.85 4.35 6.28
CA PHE A 173 12.37 5.36 5.33
C PHE A 173 11.11 4.89 4.71
N ASP A 174 10.13 5.79 4.58
CA ASP A 174 8.85 5.45 3.96
C ASP A 174 9.07 5.14 2.48
N LEU A 175 9.66 6.07 1.76
CA LEU A 175 9.91 5.90 0.35
C LEU A 175 11.39 5.61 0.13
N ILE A 176 11.69 4.52 -0.58
CA ILE A 176 13.05 4.25 -1.05
C ILE A 176 13.13 4.40 -2.55
N ILE A 177 13.88 5.40 -3.00
CA ILE A 177 13.88 5.72 -4.44
C ILE A 177 15.20 5.38 -5.15
N ASN A 178 15.12 4.46 -6.12
CA ASN A 178 16.24 4.17 -6.94
C ASN A 178 16.29 5.10 -8.15
N ALA A 179 17.09 6.17 -8.04
CA ALA A 179 17.38 7.04 -9.18
C ALA A 179 18.84 6.92 -9.63
N THR A 180 19.41 5.72 -9.50
CA THR A 180 20.74 5.44 -10.13
C THR A 180 20.60 4.87 -11.54
N SER A 181 21.73 4.65 -12.19
CA SER A 181 21.75 3.99 -13.49
C SER A 181 22.04 2.51 -13.35
N ALA A 182 21.93 2.00 -12.12
CA ALA A 182 22.27 0.62 -11.83
C ALA A 182 21.35 -0.41 -12.51
N SER A 183 20.04 -0.15 -12.57
CA SER A 183 19.11 -1.12 -13.17
C SER A 183 19.49 -1.39 -14.66
N LEU A 184 20.03 -0.36 -15.30
CA LEU A 184 20.64 -0.51 -16.63
C LEU A 184 21.85 -1.48 -16.69
N HIS A 185 22.74 -1.45 -15.68
CA HIS A 185 23.84 -2.43 -15.63
C HIS A 185 23.33 -3.78 -15.14
N ASN A 186 22.01 -3.94 -15.04
CA ASN A 186 21.40 -5.09 -14.35
C ASN A 186 22.03 -5.32 -12.94
N GLU A 187 22.14 -4.24 -12.16
CA GLU A 187 22.72 -4.34 -10.82
C GLU A 187 21.79 -3.72 -9.79
N LEU A 188 22.05 -4.02 -8.53
CA LEU A 188 21.50 -3.25 -7.40
C LEU A 188 22.20 -1.91 -7.30
N PRO A 189 21.50 -0.89 -6.77
CA PRO A 189 22.13 0.38 -6.51
C PRO A 189 22.89 0.36 -5.19
N LEU A 190 22.65 -0.64 -4.36
CA LEU A 190 23.25 -0.66 -3.04
C LEU A 190 23.51 -2.07 -2.68
N ASN A 191 24.44 -2.28 -1.75
CA ASN A 191 24.56 -3.54 -1.04
C ASN A 191 23.21 -4.22 -0.67
N LYS A 192 23.11 -5.52 -0.94
CA LYS A 192 21.84 -6.24 -0.75
C LYS A 192 21.29 -6.28 0.67
N GLU A 193 22.16 -6.61 1.63
CA GLU A 193 21.74 -6.65 3.04
C GLU A 193 21.32 -5.27 3.54
N VAL A 194 22.01 -4.21 3.07
CA VAL A 194 21.66 -2.83 3.40
C VAL A 194 20.28 -2.48 2.82
N LEU A 195 20.06 -2.85 1.57
CA LEU A 195 18.77 -2.66 0.92
C LEU A 195 17.68 -3.43 1.67
N LYS A 196 17.98 -4.66 2.00
CA LYS A 196 17.03 -5.45 2.77
C LYS A 196 16.57 -4.72 3.99
N GLY A 197 17.49 -4.09 4.68
CA GLY A 197 17.18 -3.44 5.95
C GLY A 197 16.18 -2.34 5.71
N TYR A 198 16.42 -1.52 4.69
CA TYR A 198 15.44 -0.54 4.27
C TYR A 198 14.15 -1.16 3.86
N PHE A 199 14.19 -2.20 3.03
CA PHE A 199 12.93 -2.71 2.50
C PHE A 199 12.01 -3.24 3.63
N LYS A 200 12.61 -3.80 4.65
CA LYS A 200 11.85 -4.45 5.71
C LYS A 200 11.02 -3.46 6.52
N GLU A 201 11.43 -2.18 6.50
CA GLU A 201 10.71 -1.11 7.21
C GLU A 201 10.03 -0.12 6.29
N GLY A 202 10.33 -0.19 4.99
CA GLY A 202 9.87 0.81 4.06
C GLY A 202 8.40 0.59 3.70
N LYS A 203 7.81 1.52 2.97
CA LYS A 203 6.43 1.41 2.59
C LYS A 203 6.29 1.37 1.07
N LEU A 204 7.26 1.96 0.35
CA LEU A 204 7.31 1.84 -1.11
C LEU A 204 8.73 1.89 -1.60
N ALA A 205 9.05 0.94 -2.49
CA ALA A 205 10.31 0.88 -3.19
C ALA A 205 10.03 1.39 -4.59
N TYR A 206 10.68 2.47 -5.00
CA TYR A 206 10.27 3.17 -6.22
C TYR A 206 11.47 3.22 -7.20
N ASP A 207 11.32 2.59 -8.37
CA ASP A 207 12.42 2.58 -9.34
C ASP A 207 12.02 3.41 -10.55
N LEU A 208 12.94 4.17 -11.09
CA LEU A 208 12.64 5.02 -12.23
C LEU A 208 12.57 4.26 -13.57
N ALA A 209 13.35 3.20 -13.72
CA ALA A 209 13.30 2.37 -14.95
C ALA A 209 11.89 1.86 -15.22
N ALA A 210 11.46 1.93 -16.48
CA ALA A 210 10.06 1.63 -16.82
C ALA A 210 9.89 0.30 -17.57
N GLY A 211 8.75 -0.35 -17.32
CA GLY A 211 8.37 -1.57 -18.01
C GLY A 211 8.94 -2.90 -17.50
N PHE A 212 10.17 -2.89 -16.97
CA PHE A 212 10.87 -4.15 -16.62
C PHE A 212 11.23 -4.34 -15.11
N LEU A 213 11.32 -5.59 -14.65
CA LEU A 213 11.51 -5.80 -13.21
C LEU A 213 13.01 -5.73 -12.88
N THR A 214 13.43 -4.60 -12.37
CA THR A 214 14.83 -4.37 -12.07
C THR A 214 15.23 -5.23 -10.86
N PRO A 215 16.55 -5.40 -10.64
CA PRO A 215 16.99 -6.13 -9.44
C PRO A 215 16.54 -5.44 -8.17
N PHE A 216 16.50 -4.10 -8.20
CA PHE A 216 15.97 -3.30 -7.07
C PHE A 216 14.50 -3.66 -6.78
N LEU A 217 13.67 -3.69 -7.81
CA LEU A 217 12.26 -3.98 -7.62
C LEU A 217 12.09 -5.45 -7.26
N SER A 218 12.88 -6.33 -7.88
CA SER A 218 12.73 -7.76 -7.60
C SER A 218 13.14 -8.13 -6.16
N LEU A 219 14.10 -7.42 -5.61
CA LEU A 219 14.38 -7.56 -4.18
C LEU A 219 13.21 -7.07 -3.29
N ALA A 220 12.64 -5.91 -3.64
CA ALA A 220 11.52 -5.42 -2.86
C ALA A 220 10.39 -6.44 -2.90
N LYS A 221 10.08 -6.95 -4.11
CA LYS A 221 8.98 -7.90 -4.29
C LYS A 221 9.17 -9.19 -3.44
N GLU A 222 10.38 -9.72 -3.51
CA GLU A 222 10.77 -10.87 -2.71
C GLU A 222 10.60 -10.63 -1.18
N LEU A 223 10.95 -9.44 -0.71
CA LEU A 223 10.69 -9.04 0.71
C LEU A 223 9.23 -8.65 1.05
N LYS A 224 8.34 -8.69 0.03
CA LYS A 224 6.93 -8.27 0.15
C LYS A 224 6.78 -6.78 0.45
N THR A 225 7.79 -6.00 0.11
CA THR A 225 7.66 -4.54 0.14
C THR A 225 6.89 -4.04 -1.13
N PRO A 226 5.88 -3.16 -0.94
CA PRO A 226 5.19 -2.59 -2.07
C PRO A 226 6.21 -1.87 -2.97
N PHE A 227 6.05 -2.03 -4.28
CA PHE A 227 7.00 -1.46 -5.23
C PHE A 227 6.30 -0.81 -6.41
N GLN A 228 7.00 0.09 -7.10
CA GLN A 228 6.44 0.78 -8.27
C GLN A 228 7.60 1.09 -9.20
N ASP A 229 7.43 0.76 -10.48
CA ASP A 229 8.39 1.11 -11.50
C ASP A 229 8.11 2.48 -12.14
N GLY A 230 8.90 2.84 -13.14
CA GLY A 230 8.84 4.21 -13.67
C GLY A 230 7.71 4.44 -14.68
N LYS A 231 6.88 3.44 -14.92
CA LYS A 231 5.91 3.53 -16.00
C LYS A 231 4.83 4.67 -15.87
N ASP A 232 4.23 4.87 -14.69
CA ASP A 232 3.30 6.01 -14.58
C ASP A 232 4.00 7.37 -14.69
N MET A 233 5.20 7.46 -14.13
CA MET A 233 5.93 8.69 -14.20
C MET A 233 6.32 9.06 -15.64
N LEU A 234 6.80 8.07 -16.37
CA LEU A 234 7.24 8.28 -17.75
C LEU A 234 6.06 8.87 -18.54
N ILE A 235 4.90 8.29 -18.34
CA ILE A 235 3.71 8.76 -19.02
C ILE A 235 3.30 10.19 -18.61
N TYR A 236 3.15 10.43 -17.32
CA TYR A 236 2.88 11.81 -16.87
C TYR A 236 3.91 12.85 -17.39
N GLN A 237 5.20 12.54 -17.34
CA GLN A 237 6.20 13.60 -17.69
C GLN A 237 6.22 13.80 -19.21
N ALA A 238 5.97 12.73 -19.95
CA ALA A 238 5.76 12.83 -21.42
C ALA A 238 4.61 13.73 -21.78
N ALA A 239 3.46 13.51 -21.11
CA ALA A 239 2.30 14.36 -21.34
C ALA A 239 2.56 15.86 -21.00
N LEU A 240 3.24 16.12 -19.87
CA LEU A 240 3.63 17.48 -19.55
C LEU A 240 4.59 18.08 -20.56
N SER A 241 5.58 17.28 -21.03
CA SER A 241 6.48 17.71 -22.11
C SER A 241 5.68 18.05 -23.39
N PHE A 242 4.73 17.17 -23.76
CA PHE A 242 3.92 17.41 -24.94
C PHE A 242 3.21 18.78 -24.88
N GLU A 243 2.69 19.10 -23.69
CA GLU A 243 2.01 20.39 -23.46
C GLU A 243 2.95 21.57 -23.76
N LYS A 244 4.21 21.46 -23.37
CA LYS A 244 5.24 22.41 -23.77
C LYS A 244 5.50 22.41 -25.29
N PHE A 245 5.70 21.20 -25.88
CA PHE A 245 5.90 21.04 -27.33
C PHE A 245 4.77 21.64 -28.14
N SER A 246 3.56 21.66 -27.57
CA SER A 246 2.39 22.24 -28.25
C SER A 246 2.26 23.77 -28.04
N ALA A 247 3.23 24.38 -27.36
CA ALA A 247 3.14 25.81 -26.97
C ALA A 247 2.00 26.05 -26.00
N SER A 248 1.70 25.04 -25.17
CA SER A 248 0.71 25.18 -24.11
C SER A 248 -0.73 25.27 -24.65
N GLN A 249 -0.92 24.81 -25.88
CA GLN A 249 -2.25 24.68 -26.45
C GLN A 249 -2.93 23.34 -26.16
N ILE A 250 -2.16 22.26 -26.10
CA ILE A 250 -2.71 20.95 -25.69
C ILE A 250 -2.40 20.67 -24.22
N PRO A 251 -3.41 20.71 -23.35
CA PRO A 251 -3.20 20.50 -21.91
C PRO A 251 -2.71 19.07 -21.60
N TYR A 252 -1.84 18.93 -20.60
CA TYR A 252 -1.19 17.64 -20.42
C TYR A 252 -2.21 16.51 -20.17
N SER A 253 -3.39 16.86 -19.65
CA SER A 253 -4.36 15.80 -19.31
C SER A 253 -4.95 15.23 -20.60
N LYS A 254 -5.01 16.05 -21.66
CA LYS A 254 -5.51 15.57 -22.94
C LYS A 254 -4.49 14.62 -23.53
N ALA A 255 -3.23 15.03 -23.52
CA ALA A 255 -2.11 14.17 -23.96
C ALA A 255 -2.00 12.87 -23.16
N PHE A 256 -2.14 12.97 -21.84
CA PHE A 256 -1.99 11.82 -20.97
C PHE A 256 -2.99 10.66 -21.34
N GLU A 257 -4.23 11.01 -21.66
CA GLU A 257 -5.24 10.00 -22.05
C GLU A 257 -4.82 9.23 -23.30
N VAL A 258 -4.33 9.92 -24.31
CA VAL A 258 -3.85 9.27 -25.53
C VAL A 258 -2.61 8.42 -25.21
N MET A 259 -1.67 8.99 -24.45
CA MET A 259 -0.41 8.33 -24.24
C MET A 259 -0.59 7.10 -23.40
N ARG A 260 -1.36 7.22 -22.33
CA ARG A 260 -1.62 6.07 -21.47
C ARG A 260 -2.15 4.86 -22.23
N SER A 261 -3.24 5.08 -22.96
CA SER A 261 -3.86 4.07 -23.80
C SER A 261 -2.90 3.42 -24.84
N VAL A 262 -2.20 4.24 -25.62
CA VAL A 262 -1.23 3.70 -26.53
C VAL A 262 -0.12 2.90 -25.80
N PHE A 263 0.37 3.41 -24.67
CA PHE A 263 1.35 2.67 -23.90
C PHE A 263 0.87 1.22 -23.50
N MET B 1 -23.61 -5.95 -16.02
CA MET B 1 -22.20 -6.44 -16.16
C MET B 1 -21.27 -5.91 -15.05
N LYS B 2 -21.82 -5.15 -14.10
CA LYS B 2 -21.04 -4.53 -13.02
C LYS B 2 -20.54 -5.55 -11.98
N LEU B 3 -19.26 -5.46 -11.64
CA LEU B 3 -18.64 -6.50 -10.88
C LEU B 3 -17.73 -5.92 -9.80
N LYS B 4 -17.82 -6.45 -8.57
CA LYS B 4 -17.00 -5.92 -7.46
C LYS B 4 -16.28 -6.99 -6.65
N SER B 5 -15.07 -6.64 -6.21
CA SER B 5 -14.21 -7.57 -5.55
C SER B 5 -14.06 -7.30 -4.06
N PHE B 6 -14.01 -8.40 -3.31
CA PHE B 6 -13.99 -8.44 -1.85
C PHE B 6 -13.17 -9.66 -1.45
N GLY B 7 -12.65 -9.68 -0.23
CA GLY B 7 -11.87 -10.83 0.17
C GLY B 7 -11.63 -10.78 1.64
N VAL B 8 -11.01 -11.82 2.17
CA VAL B 8 -10.58 -11.84 3.56
C VAL B 8 -9.05 -12.08 3.60
N PHE B 9 -8.32 -11.17 4.25
CA PHE B 9 -6.87 -11.32 4.41
C PHE B 9 -6.61 -12.04 5.72
N GLY B 10 -5.70 -12.99 5.71
CA GLY B 10 -5.42 -13.77 6.91
C GLY B 10 -4.22 -14.64 6.62
N ASN B 11 -3.54 -15.11 7.67
CA ASN B 11 -2.49 -16.13 7.50
C ASN B 11 -2.37 -16.97 8.78
N PRO B 12 -2.91 -18.21 8.76
CA PRO B 12 -3.58 -18.94 7.64
C PRO B 12 -5.03 -18.48 7.36
N ILE B 13 -5.56 -18.84 6.21
CA ILE B 13 -6.86 -18.37 5.81
C ILE B 13 -7.73 -19.44 5.19
N LYS B 14 -7.20 -20.61 4.84
CA LYS B 14 -8.03 -21.50 3.99
C LYS B 14 -9.16 -22.23 4.78
N HIS B 15 -8.99 -22.34 6.10
CA HIS B 15 -10.14 -22.67 6.99
C HIS B 15 -11.34 -21.71 6.88
N SER B 16 -11.16 -20.52 6.30
CA SER B 16 -12.19 -19.44 6.46
C SER B 16 -13.50 -19.77 5.78
N LYS B 17 -14.61 -19.51 6.48
CA LYS B 17 -15.96 -19.65 5.89
C LYS B 17 -16.60 -18.31 5.53
N SER B 18 -15.83 -17.23 5.64
CA SER B 18 -16.28 -15.92 5.15
C SER B 18 -16.59 -15.92 3.67
N PRO B 19 -15.76 -16.62 2.86
CA PRO B 19 -16.18 -16.59 1.42
C PRO B 19 -17.56 -17.29 1.18
N LEU B 20 -17.73 -18.48 1.71
CA LEU B 20 -19.05 -19.13 1.72
C LEU B 20 -20.22 -18.16 2.02
N ILE B 21 -20.18 -17.48 3.17
CA ILE B 21 -21.36 -16.72 3.63
C ILE B 21 -21.57 -15.37 2.90
N HIS B 22 -20.46 -14.67 2.61
CA HIS B 22 -20.49 -13.44 1.82
C HIS B 22 -20.92 -13.67 0.37
N ASN B 23 -20.37 -14.72 -0.22
CA ASN B 23 -20.78 -15.09 -1.60
C ASN B 23 -22.26 -15.53 -1.66
N ALA B 24 -22.72 -16.21 -0.64
CA ALA B 24 -24.15 -16.51 -0.52
C ALA B 24 -24.99 -15.24 -0.59
N CYS B 25 -24.60 -14.22 0.18
CA CYS B 25 -25.24 -12.94 0.11
C CYS B 25 -25.14 -12.19 -1.24
N PHE B 26 -23.92 -12.10 -1.80
CA PHE B 26 -23.76 -11.50 -3.12
C PHE B 26 -24.63 -12.21 -4.18
N LEU B 27 -24.70 -13.52 -4.11
CA LEU B 27 -25.47 -14.32 -5.08
C LEU B 27 -26.97 -14.09 -4.85
N THR B 28 -27.41 -14.21 -3.60
CA THR B 28 -28.82 -13.88 -3.22
C THR B 28 -29.24 -12.47 -3.59
N PHE B 29 -28.38 -11.48 -3.37
CA PHE B 29 -28.84 -10.08 -3.50
C PHE B 29 -28.35 -9.41 -4.77
N GLN B 30 -27.73 -10.20 -5.64
CA GLN B 30 -27.35 -9.74 -6.99
C GLN B 30 -28.42 -8.87 -7.67
N LYS B 31 -29.58 -9.45 -7.95
CA LYS B 31 -30.69 -8.72 -8.57
C LYS B 31 -31.00 -7.34 -7.94
N GLU B 32 -31.13 -7.30 -6.60
CA GLU B 32 -31.35 -6.04 -5.85
C GLU B 32 -30.18 -5.09 -5.91
N LEU B 33 -28.97 -5.61 -5.68
CA LEU B 33 -27.76 -4.80 -5.80
C LEU B 33 -27.51 -4.46 -7.27
N ARG B 34 -26.95 -3.30 -7.53
CA ARG B 34 -26.64 -2.96 -8.92
C ARG B 34 -25.76 -4.05 -9.65
N PHE B 35 -25.33 -5.08 -8.92
CA PHE B 35 -24.01 -5.70 -9.22
C PHE B 35 -23.75 -7.10 -8.68
N LEU B 36 -22.79 -7.77 -9.28
CA LEU B 36 -22.28 -8.99 -8.70
C LEU B 36 -21.03 -8.74 -7.87
N GLY B 37 -21.10 -9.11 -6.60
CA GLY B 37 -19.93 -9.12 -5.74
C GLY B 37 -19.27 -10.52 -5.71
N HIS B 38 -17.95 -10.55 -5.64
CA HIS B 38 -17.29 -11.77 -5.38
C HIS B 38 -16.28 -11.62 -4.27
N TYR B 39 -16.14 -12.65 -3.47
CA TYR B 39 -15.41 -12.57 -2.22
C TYR B 39 -14.46 -13.76 -2.17
N HIS B 40 -13.16 -13.52 -1.99
CA HIS B 40 -12.15 -14.57 -2.04
C HIS B 40 -11.29 -14.60 -0.80
N PRO B 41 -10.82 -15.80 -0.41
CA PRO B 41 -9.80 -15.82 0.67
C PRO B 41 -8.43 -15.38 0.15
N ILE B 42 -7.77 -14.46 0.84
CA ILE B 42 -6.48 -13.99 0.36
C ILE B 42 -5.44 -14.33 1.38
N LEU B 43 -4.56 -15.26 1.06
CA LEU B 43 -3.44 -15.58 1.92
C LEU B 43 -2.39 -14.45 1.86
N LEU B 44 -2.16 -13.80 3.00
CA LEU B 44 -1.26 -12.67 3.05
C LEU B 44 0.05 -13.10 3.75
N PRO B 45 1.17 -13.11 3.01
CA PRO B 45 2.48 -13.32 3.70
C PRO B 45 2.61 -12.41 4.92
N LEU B 46 3.33 -12.85 5.97
CA LEU B 46 3.34 -12.06 7.20
C LEU B 46 4.03 -10.72 7.00
N GLU B 47 4.93 -10.63 6.04
CA GLU B 47 5.72 -9.40 5.85
C GLU B 47 5.02 -8.45 4.87
N SER B 48 3.93 -8.90 4.27
CA SER B 48 3.36 -8.14 3.19
C SER B 48 2.36 -7.08 3.72
N HIS B 49 2.04 -6.10 2.89
CA HIS B 49 1.42 -4.88 3.33
C HIS B 49 -0.07 -4.85 2.94
N ILE B 50 -0.94 -4.97 3.92
CA ILE B 50 -2.38 -5.12 3.62
C ILE B 50 -3.01 -3.97 2.76
N LYS B 51 -2.60 -2.72 2.99
CA LYS B 51 -3.18 -1.57 2.24
C LYS B 51 -2.74 -1.65 0.78
N SER B 52 -1.47 -1.98 0.56
CA SER B 52 -0.96 -2.05 -0.80
C SER B 52 -1.65 -3.19 -1.54
N GLU B 53 -1.89 -4.29 -0.87
CA GLU B 53 -2.50 -5.42 -1.51
C GLU B 53 -3.96 -5.16 -1.84
N PHE B 54 -4.63 -4.48 -0.91
CA PHE B 54 -6.01 -4.08 -1.09
C PHE B 54 -6.16 -3.16 -2.38
N LEU B 55 -5.23 -2.24 -2.56
CA LEU B 55 -5.25 -1.34 -3.67
C LEU B 55 -4.86 -2.06 -4.97
N HIS B 56 -3.82 -2.89 -4.89
CA HIS B 56 -3.40 -3.68 -6.02
C HIS B 56 -4.52 -4.59 -6.57
N LEU B 57 -5.29 -5.26 -5.71
CA LEU B 57 -6.36 -6.12 -6.20
C LEU B 57 -7.65 -5.37 -6.62
N GLY B 58 -7.70 -4.05 -6.45
CA GLY B 58 -8.92 -3.29 -6.79
C GLY B 58 -10.15 -3.68 -5.96
N LEU B 59 -9.94 -4.05 -4.69
CA LEU B 59 -11.05 -4.43 -3.84
C LEU B 59 -11.95 -3.25 -3.52
N SER B 60 -13.24 -3.52 -3.30
CA SER B 60 -14.14 -2.50 -2.71
C SER B 60 -14.22 -2.55 -1.19
N GLY B 61 -14.06 -3.77 -0.63
CA GLY B 61 -13.81 -3.94 0.76
C GLY B 61 -13.24 -5.30 1.07
N ALA B 62 -13.00 -5.55 2.37
CA ALA B 62 -12.28 -6.74 2.73
C ALA B 62 -12.47 -6.98 4.21
N ASN B 63 -12.38 -8.23 4.63
CA ASN B 63 -12.20 -8.47 6.04
C ASN B 63 -10.73 -8.79 6.35
N VAL B 64 -10.39 -8.75 7.62
CA VAL B 64 -9.03 -8.96 8.05
C VAL B 64 -9.07 -9.87 9.26
N THR B 65 -8.27 -10.94 9.25
CA THR B 65 -8.17 -11.79 10.40
C THR B 65 -6.78 -11.71 10.99
N LEU B 66 -6.53 -12.51 12.01
CA LEU B 66 -5.19 -12.57 12.61
C LEU B 66 -4.15 -13.03 11.58
N PRO B 67 -2.95 -12.48 11.63
CA PRO B 67 -2.48 -11.52 12.65
C PRO B 67 -2.45 -10.08 12.12
N PHE B 68 -3.46 -9.69 11.33
CA PHE B 68 -3.36 -8.41 10.59
C PHE B 68 -4.23 -7.30 11.08
N LYS B 69 -5.07 -7.60 12.06
CA LYS B 69 -6.08 -6.66 12.55
C LYS B 69 -5.46 -5.35 13.11
N GLU B 70 -4.37 -5.47 13.88
CA GLU B 70 -3.67 -4.27 14.46
C GLU B 70 -2.94 -3.46 13.38
N ARG B 71 -2.26 -4.17 12.47
CA ARG B 71 -1.68 -3.53 11.27
C ARG B 71 -2.71 -2.86 10.34
N ALA B 72 -3.83 -3.52 10.10
CA ALA B 72 -5.02 -2.87 9.44
C ALA B 72 -5.38 -1.48 10.00
N PHE B 73 -5.56 -1.41 11.31
CA PHE B 73 -5.82 -0.17 12.06
C PHE B 73 -4.80 0.92 11.75
N GLN B 74 -3.53 0.58 11.92
CA GLN B 74 -2.41 1.48 11.63
C GLN B 74 -2.42 2.15 10.25
N VAL B 75 -2.92 1.49 9.19
CA VAL B 75 -2.73 2.01 7.83
C VAL B 75 -3.96 2.51 7.13
N CYS B 76 -5.13 2.31 7.72
CA CYS B 76 -6.30 2.98 7.20
C CYS B 76 -6.05 4.50 7.11
N ASP B 77 -6.64 5.15 6.11
CA ASP B 77 -6.66 6.62 6.02
C ASP B 77 -7.67 7.20 7.06
N LYS B 78 -8.81 6.51 7.23
CA LYS B 78 -9.82 6.87 8.22
C LYS B 78 -10.27 5.63 9.02
N ILE B 79 -10.76 5.85 10.23
CA ILE B 79 -11.20 4.79 11.15
C ILE B 79 -12.52 5.23 11.75
N LYS B 80 -13.52 4.38 11.74
CA LYS B 80 -14.82 4.77 12.23
C LYS B 80 -15.27 3.79 13.32
N GLY B 81 -16.03 4.29 14.31
CA GLY B 81 -16.68 3.38 15.29
C GLY B 81 -15.76 2.82 16.36
N ILE B 82 -16.15 1.69 16.99
CA ILE B 82 -15.34 1.16 18.12
C ILE B 82 -13.95 0.75 17.74
N ALA B 83 -13.67 0.57 16.45
CA ALA B 83 -12.31 0.25 16.02
C ALA B 83 -11.29 1.19 16.70
N LEU B 84 -11.70 2.43 16.92
CA LEU B 84 -10.84 3.45 17.50
C LEU B 84 -10.47 3.05 18.91
N GLU B 85 -11.40 2.42 19.63
CA GLU B 85 -11.13 2.00 21.01
C GLU B 85 -10.36 0.66 21.06
N CYS B 86 -10.67 -0.23 20.11
CA CYS B 86 -10.09 -1.62 20.05
C CYS B 86 -8.61 -1.56 19.74
N GLY B 87 -8.18 -0.54 19.00
CA GLY B 87 -6.86 -0.60 18.31
C GLY B 87 -6.78 -1.68 17.20
N ALA B 88 -7.88 -1.90 16.47
CA ALA B 88 -7.98 -3.10 15.62
C ALA B 88 -9.14 -3.00 14.62
N VAL B 89 -8.85 -3.38 13.38
CA VAL B 89 -9.75 -3.26 12.29
C VAL B 89 -9.92 -4.65 11.71
N ASN B 90 -11.16 -5.09 11.55
CA ASN B 90 -11.39 -6.38 10.85
C ASN B 90 -12.18 -6.22 9.55
N THR B 91 -12.55 -4.97 9.22
CA THR B 91 -13.46 -4.64 8.10
C THR B 91 -12.98 -3.36 7.38
N LEU B 92 -12.58 -3.49 6.12
CA LEU B 92 -11.99 -2.40 5.35
C LEU B 92 -12.90 -2.06 4.23
N VAL B 93 -13.20 -0.77 4.05
CA VAL B 93 -14.10 -0.34 2.97
C VAL B 93 -13.44 0.85 2.21
N LEU B 94 -13.52 0.79 0.89
CA LEU B 94 -12.97 1.88 0.10
C LEU B 94 -14.09 2.92 0.00
N GLU B 95 -13.93 4.07 0.66
CA GLU B 95 -14.95 5.11 0.66
C GLU B 95 -14.36 6.43 0.15
N ASN B 96 -14.79 6.83 -1.04
CA ASN B 96 -14.28 8.03 -1.71
C ASN B 96 -12.78 8.01 -1.79
N ASP B 97 -12.24 6.91 -2.29
CA ASP B 97 -10.82 6.82 -2.50
C ASP B 97 -10.02 6.67 -1.23
N GLU B 98 -10.69 6.66 -0.09
CA GLU B 98 -9.96 6.47 1.17
C GLU B 98 -10.25 5.09 1.70
N LEU B 99 -9.21 4.42 2.18
CA LEU B 99 -9.37 3.17 2.89
C LEU B 99 -9.92 3.43 4.32
N VAL B 100 -11.14 3.01 4.56
CA VAL B 100 -11.72 3.22 5.88
C VAL B 100 -11.78 1.92 6.66
N GLY B 101 -11.26 1.96 7.91
CA GLY B 101 -11.37 0.79 8.81
C GLY B 101 -12.53 0.78 9.81
N TYR B 102 -13.15 -0.39 9.97
CA TYR B 102 -14.13 -0.64 11.03
C TYR B 102 -13.76 -1.92 11.77
N ASN B 103 -14.51 -2.20 12.85
CA ASN B 103 -14.36 -3.44 13.61
C ASN B 103 -15.78 -3.88 13.98
N THR B 104 -16.20 -5.00 13.38
CA THR B 104 -17.48 -5.63 13.64
C THR B 104 -17.31 -6.84 14.53
N ASP B 105 -16.08 -7.09 14.91
CA ASP B 105 -15.75 -8.19 15.84
C ASP B 105 -16.37 -7.97 17.23
N ALA B 106 -16.29 -6.74 17.72
CA ALA B 106 -16.75 -6.41 19.09
C ALA B 106 -18.26 -6.68 19.26
N LEU B 107 -19.06 -6.13 18.37
CA LEU B 107 -20.47 -6.32 18.43
C LEU B 107 -20.84 -7.75 18.02
N GLY B 108 -20.11 -8.33 17.04
CA GLY B 108 -20.26 -9.74 16.69
C GLY B 108 -20.17 -10.63 17.91
N PHE B 109 -19.19 -10.35 18.76
CA PHE B 109 -18.90 -11.20 19.91
C PHE B 109 -19.97 -10.93 20.96
N TYR B 110 -20.34 -9.66 21.10
CA TYR B 110 -21.42 -9.26 22.01
C TYR B 110 -22.70 -9.95 21.70
N LEU B 111 -23.11 -9.91 20.44
CA LEU B 111 -24.32 -10.64 19.99
C LEU B 111 -24.29 -12.18 20.11
N SER B 112 -23.10 -12.76 20.10
CA SER B 112 -22.95 -14.19 20.11
C SER B 112 -23.08 -14.74 21.50
N LEU B 113 -22.82 -13.90 22.49
CA LEU B 113 -22.63 -14.37 23.82
C LEU B 113 -23.91 -14.28 24.63
N LYS B 114 -24.53 -15.42 24.85
CA LYS B 114 -25.55 -15.51 25.86
C LYS B 114 -25.02 -16.19 27.09
N GLN B 115 -25.15 -15.50 28.19
CA GLN B 115 -25.64 -14.13 28.13
C GLN B 115 -24.96 -13.59 29.31
N LYS B 116 -25.47 -13.99 30.47
CA LYS B 116 -24.59 -14.21 31.58
C LYS B 116 -25.18 -15.28 32.51
N ASN B 117 -24.98 -15.17 33.84
CA ASN B 117 -24.47 -13.94 34.49
C ASN B 117 -22.98 -14.03 34.93
N TYR B 118 -22.11 -14.23 33.93
CA TYR B 118 -20.66 -14.34 34.10
C TYR B 118 -20.08 -13.13 34.80
N GLN B 119 -19.20 -13.42 35.76
CA GLN B 119 -18.64 -12.43 36.65
C GLN B 119 -17.28 -11.96 36.16
N ASN B 120 -16.44 -12.89 35.70
CA ASN B 120 -15.14 -12.53 35.17
C ASN B 120 -14.74 -13.42 34.01
N ALA B 121 -13.60 -13.15 33.42
CA ALA B 121 -13.16 -13.87 32.24
C ALA B 121 -11.65 -13.90 32.16
N LEU B 122 -11.13 -14.95 31.57
CA LEU B 122 -9.76 -15.00 31.18
C LEU B 122 -9.70 -15.05 29.67
N ILE B 123 -8.93 -14.13 29.08
CA ILE B 123 -8.69 -14.12 27.63
C ILE B 123 -7.28 -14.63 27.39
N LEU B 124 -7.17 -15.63 26.54
CA LEU B 124 -5.86 -16.13 26.10
C LEU B 124 -5.54 -15.47 24.76
N GLY B 125 -4.41 -14.73 24.72
CA GLY B 125 -3.94 -14.10 23.49
C GLY B 125 -3.89 -12.58 23.62
N ALA B 126 -3.31 -11.93 22.63
CA ALA B 126 -3.15 -10.49 22.71
C ALA B 126 -3.37 -9.81 21.36
N GLY B 127 -3.97 -10.52 20.40
CA GLY B 127 -4.11 -9.99 19.03
C GLY B 127 -5.27 -9.01 18.93
N GLY B 128 -5.65 -8.67 17.69
CA GLY B 128 -6.83 -7.86 17.47
C GLY B 128 -8.15 -8.40 18.06
N SER B 129 -8.38 -9.72 17.96
CA SER B 129 -9.53 -10.32 18.63
C SER B 129 -9.54 -10.13 20.13
N ALA B 130 -8.45 -10.51 20.80
CA ALA B 130 -8.31 -10.25 22.23
C ALA B 130 -8.62 -8.83 22.61
N LYS B 131 -8.15 -7.86 21.82
CA LYS B 131 -8.35 -6.47 22.14
C LYS B 131 -9.81 -6.08 22.13
N ALA B 132 -10.51 -6.43 21.04
CA ALA B 132 -11.94 -6.15 20.96
C ALA B 132 -12.72 -6.86 22.05
N LEU B 133 -12.34 -8.09 22.38
CA LEU B 133 -13.12 -8.87 23.35
C LEU B 133 -12.88 -8.34 24.78
N ALA B 134 -11.67 -7.90 25.07
CA ALA B 134 -11.39 -7.26 26.38
C ALA B 134 -12.26 -6.00 26.57
N CYS B 135 -12.27 -5.13 25.56
CA CYS B 135 -13.13 -3.95 25.57
C CYS B 135 -14.56 -4.30 25.80
N GLU B 136 -15.11 -5.20 24.99
CA GLU B 136 -16.51 -5.59 25.17
C GLU B 136 -16.77 -6.08 26.60
N LEU B 137 -15.87 -6.91 27.12
CA LEU B 137 -16.20 -7.51 28.40
C LEU B 137 -16.07 -6.51 29.53
N LYS B 138 -15.17 -5.53 29.40
CA LYS B 138 -14.99 -4.51 30.46
C LYS B 138 -16.25 -3.64 30.49
N LYS B 139 -16.64 -3.16 29.33
CA LYS B 139 -17.90 -2.43 29.19
C LYS B 139 -19.09 -3.12 29.84
N GLN B 140 -19.11 -4.44 29.80
CA GLN B 140 -20.19 -5.18 30.42
C GLN B 140 -20.05 -5.25 31.94
N GLY B 141 -18.92 -4.79 32.46
CA GLY B 141 -18.67 -4.79 33.89
C GLY B 141 -18.10 -6.09 34.43
N LEU B 142 -17.55 -6.93 33.54
CA LEU B 142 -16.81 -8.11 33.97
C LEU B 142 -15.39 -7.76 34.42
N GLN B 143 -14.88 -8.56 35.32
CA GLN B 143 -13.46 -8.51 35.57
C GLN B 143 -12.74 -9.36 34.55
N VAL B 144 -11.74 -8.78 33.91
CA VAL B 144 -11.09 -9.36 32.76
C VAL B 144 -9.64 -9.57 33.06
N SER B 145 -9.17 -10.81 32.94
CA SER B 145 -7.75 -11.05 32.99
C SER B 145 -7.28 -11.46 31.57
N VAL B 146 -6.06 -11.07 31.23
CA VAL B 146 -5.46 -11.39 29.95
C VAL B 146 -4.15 -12.15 30.16
N LEU B 147 -4.01 -13.27 29.47
CA LEU B 147 -2.81 -14.08 29.57
C LEU B 147 -2.14 -14.15 28.22
N ASN B 148 -0.94 -13.58 28.15
CA ASN B 148 -0.11 -13.66 26.96
C ASN B 148 1.25 -14.19 27.36
N ARG B 149 2.02 -14.69 26.43
CA ARG B 149 3.44 -14.81 26.72
C ARG B 149 4.26 -13.81 25.90
N SER B 150 4.77 -12.79 26.57
CA SER B 150 6.03 -12.17 26.12
C SER B 150 6.00 -11.33 24.81
N SER B 151 4.86 -11.21 24.15
CA SER B 151 4.72 -10.23 23.02
C SER B 151 3.41 -9.42 23.00
N ARG B 152 3.03 -8.88 24.15
CA ARG B 152 3.89 -8.74 25.32
C ARG B 152 3.74 -7.32 25.70
N GLY B 153 3.74 -6.46 24.67
CA GLY B 153 3.06 -5.17 24.84
C GLY B 153 1.66 -5.50 25.35
N LEU B 154 1.46 -5.38 26.65
CA LEU B 154 0.14 -5.54 27.21
C LEU B 154 -0.32 -4.17 27.63
N ASP B 155 0.36 -3.13 27.14
CA ASP B 155 -0.03 -1.78 27.46
C ASP B 155 -1.48 -1.48 27.18
N PHE B 156 -1.98 -1.93 26.02
CA PHE B 156 -3.36 -1.70 25.66
C PHE B 156 -4.28 -2.24 26.75
N PHE B 157 -4.01 -3.44 27.22
CA PHE B 157 -4.93 -4.08 28.17
C PHE B 157 -4.77 -3.48 29.57
N GLN B 158 -3.55 -3.14 29.91
CA GLN B 158 -3.33 -2.46 31.14
C GLN B 158 -4.12 -1.13 31.23
N ARG B 159 -4.02 -0.27 30.21
CA ARG B 159 -4.80 0.98 30.19
C ARG B 159 -6.32 0.75 30.28
N LEU B 160 -6.79 -0.38 29.76
CA LEU B 160 -8.21 -0.69 29.84
C LEU B 160 -8.55 -1.00 31.28
N GLY B 161 -7.54 -1.37 32.04
CA GLY B 161 -7.75 -1.79 33.43
C GLY B 161 -7.83 -3.30 33.66
N CYS B 162 -7.32 -4.12 32.72
CA CYS B 162 -7.35 -5.57 32.91
C CYS B 162 -6.23 -5.99 33.87
N ASP B 163 -6.39 -7.15 34.50
CA ASP B 163 -5.26 -7.82 35.12
C ASP B 163 -4.48 -8.57 34.04
N CYS B 164 -3.19 -8.25 33.91
CA CYS B 164 -2.38 -8.76 32.83
C CYS B 164 -1.31 -9.74 33.34
N PHE B 165 -1.22 -10.89 32.70
CA PHE B 165 -0.42 -12.00 33.20
C PHE B 165 0.46 -12.55 32.10
N MET B 166 1.64 -12.96 32.46
CA MET B 166 2.45 -13.73 31.56
C MET B 166 2.47 -15.16 32.02
N GLU B 167 2.30 -15.36 33.32
CA GLU B 167 2.13 -16.71 33.90
C GLU B 167 0.68 -16.99 34.36
N PRO B 168 0.16 -18.20 34.01
CA PRO B 168 -1.23 -18.49 34.24
C PRO B 168 -1.57 -18.35 35.71
N PRO B 169 -2.49 -17.44 36.05
CA PRO B 169 -2.85 -17.37 37.46
C PRO B 169 -3.68 -18.58 37.91
N LYS B 170 -3.51 -18.96 39.17
CA LYS B 170 -4.24 -20.06 39.76
C LYS B 170 -5.50 -19.47 40.41
N SER B 171 -6.53 -19.33 39.61
CA SER B 171 -7.73 -18.62 39.99
C SER B 171 -8.92 -19.17 39.14
N ALA B 172 -10.15 -18.91 39.57
CA ALA B 172 -11.30 -19.37 38.82
C ALA B 172 -11.83 -18.26 37.94
N PHE B 173 -12.22 -18.61 36.71
CA PHE B 173 -12.88 -17.67 35.79
C PHE B 173 -14.17 -18.28 35.22
N ASP B 174 -15.22 -17.48 35.11
CA ASP B 174 -16.48 -17.97 34.53
C ASP B 174 -16.31 -18.25 33.03
N LEU B 175 -15.78 -17.26 32.32
CA LEU B 175 -15.49 -17.36 30.90
C LEU B 175 -14.01 -17.58 30.65
N ILE B 176 -13.65 -18.62 29.90
CA ILE B 176 -12.27 -18.77 29.42
C ILE B 176 -12.28 -18.72 27.88
N ILE B 177 -11.60 -17.72 27.32
CA ILE B 177 -11.72 -17.45 25.91
C ILE B 177 -10.38 -17.67 25.25
N ASN B 178 -10.34 -18.61 24.30
CA ASN B 178 -9.19 -18.79 23.46
C ASN B 178 -9.18 -17.90 22.19
N ALA B 179 -8.36 -16.85 22.22
CA ALA B 179 -8.21 -15.86 21.13
C ALA B 179 -6.75 -15.80 20.65
N THR B 180 -6.06 -16.92 20.74
CA THR B 180 -4.71 -16.99 20.27
C THR B 180 -4.78 -17.53 18.86
N SER B 181 -3.60 -17.86 18.33
CA SER B 181 -3.41 -18.52 17.05
C SER B 181 -3.51 -20.02 17.16
N ALA B 182 -3.25 -20.54 18.36
CA ALA B 182 -2.97 -21.98 18.57
C ALA B 182 -3.97 -22.92 17.93
N SER B 183 -5.25 -22.53 17.97
CA SER B 183 -6.31 -23.31 17.35
C SER B 183 -6.13 -23.44 15.83
N LEU B 184 -5.60 -22.38 15.20
CA LEU B 184 -5.45 -22.31 13.73
C LEU B 184 -4.34 -23.17 13.15
N HIS B 185 -3.47 -23.69 14.00
CA HIS B 185 -2.53 -24.72 13.56
C HIS B 185 -2.48 -25.87 14.56
N ASN B 186 -3.67 -26.19 15.09
CA ASN B 186 -3.92 -27.40 15.89
C ASN B 186 -3.08 -27.69 17.14
N GLU B 187 -3.12 -26.78 18.11
CA GLU B 187 -2.40 -26.93 19.40
C GLU B 187 -3.26 -26.34 20.50
N LEU B 188 -3.08 -26.85 21.72
CA LEU B 188 -3.59 -26.18 22.92
C LEU B 188 -2.93 -24.82 23.02
N PRO B 189 -3.68 -23.82 23.52
CA PRO B 189 -3.09 -22.51 23.80
C PRO B 189 -2.28 -22.48 25.13
N LEU B 190 -2.57 -23.39 26.04
CA LEU B 190 -1.78 -23.50 27.28
C LEU B 190 -1.56 -24.97 27.57
N ASN B 191 -0.73 -25.25 28.56
CA ASN B 191 -0.57 -26.60 29.08
C ASN B 191 -1.86 -27.29 29.52
N LYS B 192 -1.92 -28.59 29.25
CA LYS B 192 -3.13 -29.37 29.42
C LYS B 192 -3.71 -29.38 30.85
N GLU B 193 -2.86 -29.59 31.85
CA GLU B 193 -3.37 -29.64 33.24
C GLU B 193 -3.81 -28.23 33.74
N VAL B 194 -3.11 -27.21 33.28
CA VAL B 194 -3.57 -25.79 33.48
C VAL B 194 -5.00 -25.57 32.97
N LEU B 195 -5.23 -25.98 31.72
CA LEU B 195 -6.52 -25.81 31.10
C LEU B 195 -7.55 -26.62 31.87
N LYS B 196 -7.27 -27.88 32.14
CA LYS B 196 -8.21 -28.66 32.96
C LYS B 196 -8.58 -27.93 34.25
N GLY B 197 -7.58 -27.33 34.91
CA GLY B 197 -7.84 -26.54 36.14
C GLY B 197 -8.83 -25.41 35.92
N TYR B 198 -8.61 -24.63 34.87
CA TYR B 198 -9.59 -23.62 34.48
C TYR B 198 -10.97 -24.18 34.14
N PHE B 199 -10.99 -25.25 33.33
CA PHE B 199 -12.24 -25.83 32.85
C PHE B 199 -13.07 -26.41 34.01
N LYS B 200 -12.40 -26.93 35.03
CA LYS B 200 -13.14 -27.52 36.16
C LYS B 200 -14.01 -26.47 36.85
N GLU B 201 -13.58 -25.22 36.81
CA GLU B 201 -14.34 -24.15 37.43
C GLU B 201 -15.12 -23.27 36.45
N GLY B 202 -14.73 -23.30 35.18
CA GLY B 202 -15.38 -22.45 34.15
C GLY B 202 -16.86 -22.69 33.97
N LYS B 203 -17.60 -21.63 33.68
CA LYS B 203 -18.96 -21.76 33.16
C LYS B 203 -19.06 -21.86 31.63
N LEU B 204 -18.09 -21.28 30.92
CA LEU B 204 -18.01 -21.44 29.43
C LEU B 204 -16.60 -21.38 28.84
N ALA B 205 -16.19 -22.42 28.11
CA ALA B 205 -15.05 -22.27 27.19
C ALA B 205 -15.44 -21.77 25.81
N TYR B 206 -14.77 -20.72 25.33
CA TYR B 206 -15.23 -20.09 24.11
C TYR B 206 -14.04 -19.99 23.25
N ASP B 207 -14.11 -20.61 22.08
CA ASP B 207 -13.03 -20.57 21.09
C ASP B 207 -13.49 -19.76 19.90
N LEU B 208 -12.63 -18.87 19.40
CA LEU B 208 -12.97 -18.06 18.25
C LEU B 208 -13.02 -18.88 16.93
N ALA B 209 -12.37 -20.05 16.88
CA ALA B 209 -12.41 -20.91 15.66
C ALA B 209 -13.81 -21.41 15.28
N ALA B 210 -14.20 -21.23 14.03
CA ALA B 210 -15.59 -21.42 13.61
C ALA B 210 -15.87 -22.72 12.83
N GLY B 211 -16.55 -23.68 13.45
CA GLY B 211 -17.05 -24.85 12.72
C GLY B 211 -16.05 -26.01 12.54
N PHE B 212 -14.89 -25.95 13.19
CA PHE B 212 -14.03 -27.14 13.31
C PHE B 212 -13.64 -27.33 14.78
N LEU B 213 -13.20 -28.54 15.12
CA LEU B 213 -12.83 -28.78 16.50
C LEU B 213 -11.37 -28.36 16.68
N THR B 214 -11.05 -27.87 17.87
CA THR B 214 -9.70 -27.43 18.21
C THR B 214 -9.35 -28.20 19.44
N PRO B 215 -8.07 -28.35 19.71
CA PRO B 215 -7.77 -29.16 20.91
C PRO B 215 -8.38 -28.53 22.17
N PHE B 216 -8.44 -27.20 22.19
CA PHE B 216 -9.07 -26.43 23.29
C PHE B 216 -10.55 -26.83 23.55
N LEU B 217 -11.33 -26.91 22.48
CA LEU B 217 -12.74 -27.24 22.63
C LEU B 217 -12.88 -28.71 22.97
N SER B 218 -12.05 -29.50 22.35
CA SER B 218 -12.09 -30.93 22.50
C SER B 218 -11.81 -31.32 23.96
N LEU B 219 -10.95 -30.55 24.60
CA LEU B 219 -10.73 -30.67 26.03
C LEU B 219 -11.95 -30.21 26.84
N ALA B 220 -12.53 -29.06 26.51
CA ALA B 220 -13.74 -28.63 27.23
C ALA B 220 -14.82 -29.69 27.21
N LYS B 221 -15.06 -30.27 26.03
CA LYS B 221 -16.07 -31.33 25.82
C LYS B 221 -15.85 -32.57 26.69
N GLU B 222 -14.66 -33.11 26.62
CA GLU B 222 -14.22 -34.13 27.54
C GLU B 222 -14.60 -33.86 29.03
N LEU B 223 -14.25 -32.69 29.54
CA LEU B 223 -14.42 -32.41 30.95
C LEU B 223 -15.82 -31.89 31.23
N LYS B 224 -16.65 -31.88 30.20
CA LYS B 224 -18.07 -31.54 30.33
C LYS B 224 -18.22 -30.10 30.79
N THR B 225 -17.31 -29.24 30.33
CA THR B 225 -17.43 -27.79 30.56
C THR B 225 -18.21 -27.21 29.39
N PRO B 226 -19.30 -26.50 29.67
CA PRO B 226 -20.09 -25.88 28.61
C PRO B 226 -19.19 -25.06 27.67
N PHE B 227 -19.43 -25.11 26.35
CA PHE B 227 -18.47 -24.53 25.38
C PHE B 227 -19.22 -23.88 24.22
N GLN B 228 -18.49 -23.09 23.45
CA GLN B 228 -19.05 -22.45 22.30
C GLN B 228 -17.88 -22.14 21.34
N ASP B 229 -18.01 -22.52 20.09
CA ASP B 229 -17.03 -22.19 19.06
C ASP B 229 -17.37 -20.85 18.43
N GLY B 230 -16.64 -20.46 17.40
CA GLY B 230 -16.78 -19.13 16.84
C GLY B 230 -17.88 -18.90 15.80
N LYS B 231 -18.75 -19.92 15.61
CA LYS B 231 -19.82 -19.88 14.58
C LYS B 231 -20.67 -18.61 14.71
N ASP B 232 -21.27 -18.42 15.88
CA ASP B 232 -22.24 -17.36 16.08
C ASP B 232 -21.56 -16.01 15.87
N MET B 233 -20.39 -15.83 16.47
CA MET B 233 -19.63 -14.60 16.29
C MET B 233 -19.28 -14.35 14.82
N LEU B 234 -18.69 -15.34 14.19
CA LEU B 234 -18.37 -15.24 12.76
C LEU B 234 -19.58 -14.73 11.97
N ILE B 235 -20.73 -15.40 12.13
CA ILE B 235 -21.91 -15.03 11.31
C ILE B 235 -22.41 -13.60 11.66
N TYR B 236 -22.50 -13.28 12.96
CA TYR B 236 -22.77 -11.88 13.36
C TYR B 236 -21.81 -10.87 12.79
N GLN B 237 -20.51 -11.02 13.05
CA GLN B 237 -19.55 -10.02 12.50
C GLN B 237 -19.56 -9.89 10.94
N ALA B 238 -19.83 -11.01 10.24
CA ALA B 238 -19.91 -11.01 8.75
C ALA B 238 -21.10 -10.24 8.25
N ALA B 239 -22.23 -10.36 8.96
CA ALA B 239 -23.46 -9.70 8.55
C ALA B 239 -23.31 -8.21 8.65
N LEU B 240 -22.70 -7.79 9.76
CA LEU B 240 -22.30 -6.39 9.96
C LEU B 240 -21.33 -5.85 8.90
N SER B 241 -20.29 -6.62 8.57
CA SER B 241 -19.38 -6.23 7.51
C SER B 241 -20.14 -6.10 6.18
N PHE B 242 -21.10 -7.00 5.96
CA PHE B 242 -21.74 -7.12 4.65
C PHE B 242 -22.66 -5.94 4.45
N GLU B 243 -23.23 -5.45 5.54
CA GLU B 243 -23.96 -4.18 5.51
C GLU B 243 -23.11 -3.12 4.85
N LYS B 244 -21.88 -3.01 5.33
CA LYS B 244 -20.96 -1.99 4.86
C LYS B 244 -20.53 -2.28 3.41
N PHE B 245 -20.32 -3.56 3.08
CA PHE B 245 -19.93 -3.99 1.75
C PHE B 245 -21.05 -3.71 0.69
N SER B 246 -22.30 -3.73 1.10
CA SER B 246 -23.42 -3.49 0.19
C SER B 246 -23.68 -1.99 0.09
N ALA B 247 -22.88 -1.21 0.83
CA ALA B 247 -23.09 0.26 0.98
C ALA B 247 -24.41 0.47 1.64
N SER B 248 -24.63 -0.24 2.75
CA SER B 248 -25.88 -0.15 3.54
C SER B 248 -27.19 -0.55 2.81
N GLN B 249 -27.07 -0.99 1.56
CA GLN B 249 -28.26 -1.35 0.82
C GLN B 249 -28.96 -2.54 1.46
N ILE B 250 -28.17 -3.52 1.93
CA ILE B 250 -28.71 -4.69 2.64
C ILE B 250 -28.45 -4.54 4.14
N PRO B 251 -29.54 -4.54 4.96
CA PRO B 251 -29.42 -4.41 6.42
C PRO B 251 -28.83 -5.68 6.99
N TYR B 252 -28.10 -5.56 8.08
CA TYR B 252 -27.32 -6.68 8.55
C TYR B 252 -28.25 -7.86 8.89
N SER B 253 -29.46 -7.53 9.33
CA SER B 253 -30.43 -8.57 9.69
C SER B 253 -30.89 -9.40 8.47
N LYS B 254 -30.92 -8.77 7.30
CA LYS B 254 -31.24 -9.51 6.07
C LYS B 254 -30.09 -10.47 5.68
N ALA B 255 -28.86 -9.97 5.73
CA ALA B 255 -27.69 -10.84 5.47
C ALA B 255 -27.55 -11.98 6.48
N PHE B 256 -27.73 -11.64 7.77
CA PHE B 256 -27.58 -12.61 8.84
C PHE B 256 -28.40 -13.86 8.54
N GLU B 257 -29.63 -13.68 8.04
CA GLU B 257 -30.55 -14.82 7.81
C GLU B 257 -30.05 -15.70 6.70
N VAL B 258 -29.54 -15.10 5.64
CA VAL B 258 -28.97 -15.92 4.56
C VAL B 258 -27.70 -16.56 5.02
N MET B 259 -26.88 -15.79 5.70
CA MET B 259 -25.56 -16.29 6.13
C MET B 259 -25.70 -17.47 7.07
N ARG B 260 -26.59 -17.33 8.05
CA ARG B 260 -26.79 -18.34 9.07
C ARG B 260 -27.39 -19.62 8.47
N SER B 261 -28.40 -19.43 7.63
CA SER B 261 -28.97 -20.51 6.85
C SER B 261 -27.93 -21.28 6.00
N VAL B 262 -27.09 -20.55 5.26
CA VAL B 262 -26.15 -21.26 4.40
C VAL B 262 -25.03 -21.90 5.19
N PHE B 263 -24.55 -21.22 6.23
CA PHE B 263 -23.55 -21.82 7.10
C PHE B 263 -24.06 -23.16 7.64
O12 SKM C . 12.96 12.74 -18.27
C8 SKM C . 12.45 11.64 -19.05
C6 SKM C . 12.74 11.88 -20.55
O7 SKM C . 12.18 13.12 -20.97
C5 SKM C . 12.16 10.76 -21.40
C4 SKM C . 12.68 9.39 -20.93
C1 SKM C . 12.81 8.24 -21.95
O2 SKM C . 12.49 8.52 -23.11
O3 SKM C . 13.23 7.10 -21.59
C10 SKM C . 13.05 9.18 -19.61
C9 SKM C . 12.99 10.26 -18.52
O11 SKM C . 14.32 10.36 -17.99
O12 SKM D . -12.95 -10.74 12.33
C8 SKM D . -13.26 -11.90 11.59
C6 SKM D . -12.89 -11.70 10.11
O7 SKM D . -13.64 -10.59 9.59
C5 SKM D . -13.26 -12.93 9.27
C4 SKM D . -12.91 -14.25 9.98
C1 SKM D . -12.84 -15.55 9.11
O2 SKM D . -13.07 -15.45 7.91
O3 SKM D . -12.58 -16.63 9.69
C10 SKM D . -12.65 -14.35 11.35
C9 SKM D . -12.66 -13.14 12.27
O11 SKM D . -11.34 -12.89 12.67
#